data_4BE3
#
_entry.id   4BE3
#
_cell.length_a   93.420
_cell.length_b   93.910
_cell.length_c   130.150
_cell.angle_alpha   90.00
_cell.angle_beta   90.00
_cell.angle_gamma   90.00
#
_symmetry.space_group_name_H-M   'P 21 21 21'
#
loop_
_entity.id
_entity.type
_entity.pdbx_description
1 polymer 'ALGINATE LYASE, FAMILY PL7'
2 non-polymer 'S,R MESO-TARTARIC ACID'
3 non-polymer 'SODIUM ION'
4 non-polymer 'D(-)-TARTARIC ACID'
5 non-polymer 'L(+)-TARTARIC ACID'
6 water water
#
_entity_poly.entity_id   1
_entity_poly.type   'polypeptide(L)'
_entity_poly.pdbx_seq_one_letter_code
;TKYPSELIPQMDEWKILLGDGTHKEDLVNYAKDDFFYVEHENETDWVVFKTPNSGITSRTSSNTRTELGQKKHWIPETGG
KLNATLKVQHVSTSGDARVAASYSVVVGQIHSDEGHENEPIKIFYKKFPGHTKGSVFWNYEINTKGDNSKRWDYSTAVWG
YDMSVVGPTATSYPEEPEDGIALGEEFSYEINVYEGIMYLTFSSEGHKTIKFTKNLLKSNFTKKSDIPQQIKTLYASIGR
DGIERENAYAGEIQYFKLGAYNQTNGKSPEDNLVWSTGADVYDGDIAKQYANGSYAEVWFKEATLGSGSAPEAQ
;
_entity_poly.pdbx_strand_id   A,B
#
# COMPACT_ATOMS: atom_id res chain seq x y z
N THR A 1 -10.29 -25.00 20.88
CA THR A 1 -8.95 -24.51 21.37
C THR A 1 -8.19 -23.65 20.31
N LYS A 2 -8.71 -23.56 19.07
CA LYS A 2 -8.06 -22.73 18.09
C LYS A 2 -8.26 -21.23 18.28
N TYR A 3 -7.27 -20.48 17.81
CA TYR A 3 -7.32 -19.03 17.74
C TYR A 3 -7.73 -18.73 16.26
N PRO A 4 -8.42 -17.63 16.09
CA PRO A 4 -8.74 -17.14 14.74
C PRO A 4 -7.50 -17.07 13.86
N SER A 5 -6.26 -16.81 14.44
CA SER A 5 -5.09 -16.67 13.57
C SER A 5 -4.79 -18.01 12.92
N GLU A 6 -5.31 -19.11 13.49
CA GLU A 6 -5.04 -20.40 12.84
C GLU A 6 -5.84 -20.55 11.55
N LEU A 7 -6.91 -19.70 11.43
CA LEU A 7 -7.81 -19.75 10.17
C LEU A 7 -7.55 -18.63 9.19
N ILE A 8 -6.81 -17.60 9.60
CA ILE A 8 -6.56 -16.45 8.78
C ILE A 8 -5.04 -16.18 8.81
N PRO A 9 -4.40 -16.55 7.78
CA PRO A 9 -2.95 -16.49 7.75
C PRO A 9 -2.43 -15.09 7.74
N GLN A 10 -3.24 -14.11 7.29
CA GLN A 10 -2.80 -12.75 7.37
C GLN A 10 -3.30 -12.08 8.61
N MET A 11 -3.47 -12.82 9.70
CA MET A 11 -4.02 -12.20 10.89
C MET A 11 -3.13 -11.08 11.39
N ASP A 12 -1.80 -11.16 11.08
CA ASP A 12 -0.95 -10.11 11.62
C ASP A 12 -1.06 -8.83 10.81
N GLU A 13 -1.85 -8.80 9.76
CA GLU A 13 -2.13 -7.57 8.97
C GLU A 13 -3.37 -6.77 9.47
N TRP A 14 -3.99 -7.31 10.49
CA TRP A 14 -5.18 -6.67 11.10
C TRP A 14 -5.03 -6.29 12.55
N LYS A 15 -5.70 -5.22 13.05
CA LYS A 15 -5.85 -4.96 14.46
C LYS A 15 -7.38 -5.16 14.72
N ILE A 16 -7.77 -5.20 15.97
CA ILE A 16 -9.23 -5.38 16.23
C ILE A 16 -9.71 -4.36 17.25
N LEU A 17 -11.03 -4.03 17.16
CA LEU A 17 -11.71 -3.39 18.30
C LEU A 17 -12.83 -4.41 18.65
N LEU A 18 -13.05 -4.76 19.92
CA LEU A 18 -14.15 -5.65 20.34
C LEU A 18 -15.32 -4.87 20.84
N GLY A 19 -16.43 -5.58 21.00
CA GLY A 19 -17.71 -4.94 21.43
C GLY A 19 -17.60 -4.37 22.85
N ASP A 20 -16.65 -4.88 23.65
CA ASP A 20 -16.47 -4.29 24.95
C ASP A 20 -15.41 -3.15 25.03
N GLY A 21 -14.93 -2.67 23.90
CA GLY A 21 -14.07 -1.48 23.74
C GLY A 21 -12.58 -1.91 23.84
N THR A 22 -12.29 -3.19 23.87
CA THR A 22 -10.87 -3.63 23.88
C THR A 22 -10.24 -3.37 22.51
N HIS A 23 -9.06 -2.73 22.48
CA HIS A 23 -8.27 -2.63 21.24
C HIS A 23 -7.15 -3.57 21.27
N LYS A 24 -6.84 -4.25 20.19
CA LYS A 24 -5.72 -5.24 20.27
C LYS A 24 -5.02 -5.15 18.93
N GLU A 25 -3.68 -4.94 18.95
CA GLU A 25 -2.99 -4.69 17.70
C GLU A 25 -2.38 -6.00 17.18
N ASP A 26 -1.96 -6.87 18.10
CA ASP A 26 -1.28 -8.16 17.74
CA ASP A 26 -1.26 -8.08 17.74
C ASP A 26 -2.23 -9.29 17.89
N LEU A 27 -2.70 -9.83 16.77
CA LEU A 27 -3.89 -10.75 16.87
C LEU A 27 -3.53 -12.13 16.67
N VAL A 28 -2.20 -12.35 16.50
CA VAL A 28 -1.78 -13.76 16.48
C VAL A 28 -1.98 -14.42 17.84
N ASN A 29 -2.60 -15.63 17.84
CA ASN A 29 -2.97 -16.29 19.10
C ASN A 29 -3.70 -15.40 20.06
N TYR A 30 -4.79 -14.75 19.57
CA TYR A 30 -5.61 -13.90 20.44
C TYR A 30 -7.01 -14.24 20.27
N ALA A 31 -7.75 -14.40 21.38
CA ALA A 31 -9.22 -14.59 21.25
C ALA A 31 -9.80 -13.95 22.48
N LYS A 32 -11.12 -13.67 22.44
CA LYS A 32 -11.73 -13.29 23.66
C LYS A 32 -13.13 -13.85 23.58
N ASP A 33 -13.49 -14.66 24.56
CA ASP A 33 -14.77 -15.31 24.63
C ASP A 33 -15.91 -14.25 24.47
N ASP A 34 -16.96 -14.71 23.80
CA ASP A 34 -18.16 -13.81 23.50
C ASP A 34 -17.91 -12.68 22.53
N PHE A 35 -16.70 -12.50 21.96
CA PHE A 35 -16.50 -11.41 20.98
C PHE A 35 -15.80 -11.95 19.77
N PHE A 36 -14.66 -12.65 19.98
CA PHE A 36 -13.77 -12.87 18.81
C PHE A 36 -13.11 -14.19 19.03
N TYR A 37 -13.60 -15.23 18.35
CA TYR A 37 -13.20 -16.62 18.77
C TYR A 37 -13.51 -17.53 17.63
N VAL A 38 -13.13 -18.78 17.75
CA VAL A 38 -13.29 -19.75 16.64
C VAL A 38 -14.45 -20.67 17.03
N GLU A 39 -15.29 -21.07 16.08
CA GLU A 39 -16.36 -22.04 16.35
C GLU A 39 -16.22 -23.09 15.29
N HIS A 40 -16.36 -24.35 15.73
CA HIS A 40 -16.22 -25.50 14.84
C HIS A 40 -17.60 -26.03 14.48
N GLU A 41 -17.89 -26.32 13.22
CA GLU A 41 -19.20 -26.83 12.83
C GLU A 41 -19.17 -27.82 11.67
N ASN A 42 -19.63 -29.08 11.91
CA ASN A 42 -19.32 -30.25 10.97
C ASN A 42 -17.86 -30.22 10.52
N GLU A 43 -17.54 -29.95 9.27
CA GLU A 43 -16.15 -30.06 8.89
C GLU A 43 -15.43 -28.74 8.67
N THR A 44 -16.00 -27.58 9.09
CA THR A 44 -15.35 -26.26 8.90
C THR A 44 -15.17 -25.50 10.23
N ASP A 45 -14.05 -24.79 10.36
CA ASP A 45 -13.83 -23.88 11.48
C ASP A 45 -14.19 -22.43 10.98
N TRP A 46 -14.71 -21.59 11.88
CA TRP A 46 -15.14 -20.24 11.48
C TRP A 46 -14.61 -19.28 12.50
N VAL A 47 -14.27 -18.07 12.07
CA VAL A 47 -13.91 -17.06 12.95
C VAL A 47 -15.22 -16.29 13.28
N VAL A 48 -15.54 -16.19 14.56
CA VAL A 48 -16.80 -15.58 14.95
C VAL A 48 -16.52 -14.20 15.35
N PHE A 49 -17.35 -13.20 14.93
CA PHE A 49 -17.29 -11.92 15.49
C PHE A 49 -18.70 -11.68 16.09
N LYS A 50 -18.74 -11.36 17.37
CA LYS A 50 -20.04 -11.24 18.03
C LYS A 50 -19.99 -9.93 18.78
N THR A 51 -21.08 -9.17 18.71
CA THR A 51 -21.05 -7.88 19.42
C THR A 51 -22.49 -7.50 19.86
N PRO A 52 -22.61 -6.83 20.99
CA PRO A 52 -24.01 -6.50 21.39
C PRO A 52 -24.45 -5.23 20.68
N ASN A 53 -25.73 -4.86 20.89
CA ASN A 53 -26.20 -3.63 20.33
C ASN A 53 -25.61 -2.38 21.02
N SER A 54 -25.28 -2.52 22.35
CA SER A 54 -24.72 -1.41 23.03
C SER A 54 -23.55 -1.93 23.93
N GLY A 55 -22.30 -1.80 23.43
CA GLY A 55 -21.11 -2.19 24.33
C GLY A 55 -20.32 -0.89 24.44
N ILE A 56 -19.02 -0.92 24.26
CA ILE A 56 -18.23 0.31 24.24
C ILE A 56 -17.83 0.66 22.80
N THR A 57 -18.25 1.84 22.34
CA THR A 57 -18.08 2.16 20.90
C THR A 57 -16.69 2.87 20.70
N SER A 58 -16.26 2.95 19.44
CA SER A 58 -15.11 3.72 19.04
C SER A 58 -15.48 5.21 19.16
N ARG A 59 -14.46 6.05 19.21
CA ARG A 59 -14.72 7.51 19.31
C ARG A 59 -15.51 8.01 18.05
N THR A 60 -15.31 7.38 16.90
CA THR A 60 -15.87 7.79 15.59
C THR A 60 -17.36 7.32 15.39
N SER A 61 -17.92 6.57 16.34
CA SER A 61 -19.24 5.93 16.08
C SER A 61 -20.18 5.78 17.27
N SER A 62 -21.48 5.83 16.99
CA SER A 62 -22.48 5.41 18.04
C SER A 62 -22.74 3.91 18.08
N ASN A 63 -22.20 3.16 17.10
CA ASN A 63 -22.55 1.75 16.98
C ASN A 63 -21.37 0.91 17.52
N THR A 64 -21.69 -0.25 18.10
CA THR A 64 -20.70 -1.11 18.70
C THR A 64 -20.22 -2.10 17.66
N ARG A 65 -18.94 -2.50 17.77
CA ARG A 65 -18.46 -3.48 16.72
C ARG A 65 -17.51 -4.49 17.40
N THR A 66 -17.40 -5.67 16.79
CA THR A 66 -16.19 -6.51 17.02
C THR A 66 -15.66 -6.65 15.62
N GLU A 67 -14.56 -5.92 15.27
CA GLU A 67 -14.31 -5.82 13.79
C GLU A 67 -12.77 -5.61 13.65
N LEU A 68 -12.26 -6.22 12.60
CA LEU A 68 -10.78 -6.01 12.26
C LEU A 68 -10.60 -4.73 11.53
N GLY A 69 -9.44 -4.07 11.61
CA GLY A 69 -9.13 -2.94 10.75
C GLY A 69 -7.75 -3.27 10.14
N GLN A 70 -7.64 -3.03 8.86
CA GLN A 70 -6.35 -3.37 8.20
C GLN A 70 -5.28 -2.35 8.65
N LYS A 71 -4.07 -2.88 8.99
CA LYS A 71 -3.01 -1.97 9.53
C LYS A 71 -2.39 -1.10 8.45
N LYS A 72 -2.16 -1.68 7.26
CA LYS A 72 -1.46 -0.92 6.21
C LYS A 72 -2.47 -0.14 5.35
N HIS A 73 -2.38 1.18 5.30
CA HIS A 73 -3.43 1.95 4.67
C HIS A 73 -3.09 2.16 3.21
N TRP A 74 -3.97 2.72 2.39
CA TRP A 74 -3.73 2.91 1.00
C TRP A 74 -4.68 3.95 0.48
N ILE A 75 -4.31 4.62 -0.61
CA ILE A 75 -5.23 5.54 -1.31
C ILE A 75 -5.83 4.76 -2.47
N PRO A 76 -7.04 5.22 -2.93
CA PRO A 76 -7.73 4.43 -3.97
C PRO A 76 -6.88 4.24 -5.21
N GLU A 77 -6.05 5.25 -5.57
CA GLU A 77 -5.24 5.08 -6.74
C GLU A 77 -4.32 3.92 -6.65
N THR A 78 -3.81 3.61 -5.44
CA THR A 78 -2.87 2.47 -5.42
C THR A 78 -3.62 1.19 -5.13
N GLY A 79 -4.77 1.27 -4.50
CA GLY A 79 -5.68 0.03 -4.58
C GLY A 79 -5.51 -0.96 -3.53
N GLY A 80 -6.40 -1.99 -3.58
CA GLY A 80 -6.34 -3.01 -2.58
C GLY A 80 -7.54 -3.94 -2.85
N LYS A 81 -7.46 -5.13 -2.35
CA LYS A 81 -8.57 -6.12 -2.55
C LYS A 81 -8.80 -6.84 -1.31
N LEU A 82 -10.11 -7.03 -0.97
CA LEU A 82 -10.46 -7.77 0.17
C LEU A 82 -11.44 -8.87 -0.31
N ASN A 83 -11.20 -10.14 0.04
CA ASN A 83 -12.14 -11.23 -0.23
C ASN A 83 -12.61 -11.83 1.04
N ALA A 84 -13.94 -12.04 1.19
CA ALA A 84 -14.44 -12.67 2.33
C ALA A 84 -15.51 -13.72 2.01
N THR A 85 -15.58 -14.80 2.78
CA THR A 85 -16.71 -15.74 2.68
C THR A 85 -17.23 -15.86 4.06
N LEU A 86 -18.55 -15.79 4.23
CA LEU A 86 -19.07 -15.62 5.62
C LEU A 86 -20.54 -16.07 5.67
N LYS A 87 -21.12 -16.16 6.88
CA LYS A 87 -22.59 -16.29 7.01
C LYS A 87 -22.91 -15.49 8.20
N VAL A 88 -24.06 -14.75 8.13
CA VAL A 88 -24.52 -14.03 9.25
C VAL A 88 -25.36 -14.95 10.04
N GLN A 89 -25.10 -15.00 11.38
CA GLN A 89 -25.78 -15.96 12.27
C GLN A 89 -26.84 -15.20 13.06
N HIS A 90 -26.70 -13.88 13.25
CA HIS A 90 -27.67 -13.25 14.10
C HIS A 90 -27.63 -11.75 13.88
N VAL A 91 -28.82 -11.05 13.81
CA VAL A 91 -28.88 -9.59 13.89
C VAL A 91 -29.85 -9.22 15.02
N SER A 92 -29.90 -7.94 15.39
CA SER A 92 -30.78 -7.63 16.55
C SER A 92 -32.20 -8.05 16.27
N THR A 93 -32.85 -8.65 17.27
CA THR A 93 -34.30 -8.98 17.12
C THR A 93 -35.15 -7.85 17.62
N SER A 94 -34.60 -6.72 18.06
CA SER A 94 -35.45 -5.55 18.36
C SER A 94 -34.89 -4.32 17.67
N GLY A 95 -35.72 -3.28 17.55
CA GLY A 95 -35.25 -2.04 16.83
C GLY A 95 -36.61 -1.52 16.25
N ASP A 96 -36.57 -0.29 15.77
CA ASP A 96 -37.73 0.38 15.24
C ASP A 96 -37.70 0.13 13.72
N ALA A 97 -38.72 -0.54 13.18
CA ALA A 97 -38.68 -0.86 11.69
C ALA A 97 -38.79 0.33 10.81
N ARG A 98 -39.10 1.53 11.32
CA ARG A 98 -39.13 2.70 10.45
C ARG A 98 -37.67 3.21 10.19
N VAL A 99 -36.74 2.70 10.97
CA VAL A 99 -35.30 3.27 10.89
C VAL A 99 -34.58 2.31 9.96
N ALA A 100 -33.91 2.89 8.94
CA ALA A 100 -33.27 2.12 7.82
C ALA A 100 -32.21 1.25 8.42
N ALA A 101 -31.44 1.70 9.43
CA ALA A 101 -30.37 0.77 9.93
C ALA A 101 -30.79 -0.40 10.76
N SER A 102 -32.09 -0.38 11.25
CA SER A 102 -32.40 -1.43 12.22
C SER A 102 -32.18 -2.85 11.65
N TYR A 103 -31.85 -3.77 12.53
CA TYR A 103 -31.76 -5.20 12.27
C TYR A 103 -30.64 -5.49 11.26
N SER A 104 -29.62 -4.66 11.28
CA SER A 104 -28.56 -4.94 10.25
C SER A 104 -27.16 -4.98 10.91
N VAL A 105 -26.24 -5.42 10.11
CA VAL A 105 -24.81 -5.55 10.60
C VAL A 105 -23.93 -5.31 9.38
N VAL A 106 -22.85 -4.53 9.55
CA VAL A 106 -21.93 -4.33 8.36
C VAL A 106 -20.82 -5.38 8.54
N VAL A 107 -20.54 -6.03 7.42
CA VAL A 107 -19.69 -7.22 7.35
C VAL A 107 -18.39 -6.96 6.54
N GLY A 108 -18.28 -5.79 5.95
CA GLY A 108 -16.99 -5.33 5.29
C GLY A 108 -17.06 -3.88 4.92
N GLN A 109 -15.94 -3.14 4.95
CA GLN A 109 -16.02 -1.77 4.60
C GLN A 109 -14.65 -1.32 4.07
N ILE A 110 -14.69 -0.17 3.38
CA ILE A 110 -13.45 0.65 3.23
C ILE A 110 -13.75 1.85 4.14
N HIS A 111 -12.82 2.19 5.07
CA HIS A 111 -13.02 3.35 5.91
C HIS A 111 -11.90 4.34 5.69
N SER A 112 -12.24 5.63 5.61
CA SER A 112 -11.16 6.61 5.33
C SER A 112 -10.49 6.88 6.73
N ASP A 113 -9.14 7.08 6.71
CA ASP A 113 -8.38 7.30 7.96
C ASP A 113 -8.25 8.83 8.20
N GLU A 114 -8.68 9.69 7.29
CA GLU A 114 -8.47 11.15 7.52
C GLU A 114 -9.60 11.93 6.98
N GLY A 115 -9.44 13.25 7.04
CA GLY A 115 -10.53 14.10 6.48
C GLY A 115 -11.80 13.81 7.27
N HIS A 116 -12.90 13.63 6.54
CA HIS A 116 -14.18 13.33 7.18
C HIS A 116 -14.28 11.95 7.78
N GLU A 117 -13.31 11.05 7.46
CA GLU A 117 -13.34 9.69 8.00
C GLU A 117 -14.69 9.00 7.58
N ASN A 118 -15.14 9.24 6.34
CA ASN A 118 -16.39 8.53 5.89
C ASN A 118 -16.03 7.17 5.26
N GLU A 119 -17.01 6.40 4.77
CA GLU A 119 -16.69 5.10 4.10
C GLU A 119 -17.09 5.07 2.69
N PRO A 120 -16.14 4.90 1.78
CA PRO A 120 -16.46 4.63 0.43
C PRO A 120 -17.41 3.36 0.28
N ILE A 121 -17.28 2.42 1.22
CA ILE A 121 -18.28 1.28 1.13
C ILE A 121 -18.48 0.67 2.43
N LYS A 122 -19.80 0.29 2.71
CA LYS A 122 -20.08 -0.51 3.89
C LYS A 122 -21.06 -1.60 3.29
N ILE A 123 -20.74 -2.86 3.51
CA ILE A 123 -21.64 -3.97 3.02
C ILE A 123 -22.43 -4.36 4.27
N PHE A 124 -23.79 -4.42 4.04
CA PHE A 124 -24.72 -4.75 5.15
C PHE A 124 -25.41 -6.07 4.89
N TYR A 125 -25.84 -6.69 6.00
CA TYR A 125 -26.83 -7.80 5.91
C TYR A 125 -27.92 -7.26 6.89
N LYS A 126 -29.19 -7.23 6.40
CA LYS A 126 -30.30 -6.76 7.26
C LYS A 126 -31.46 -7.79 7.18
N LYS A 127 -32.03 -8.12 8.35
CA LYS A 127 -33.13 -9.13 8.28
C LYS A 127 -34.14 -8.68 9.34
N PHE A 128 -35.40 -8.46 8.87
CA PHE A 128 -36.45 -8.14 9.87
C PHE A 128 -36.78 -9.30 10.78
N PRO A 129 -37.27 -8.97 11.97
CA PRO A 129 -37.54 -10.01 12.91
C PRO A 129 -38.58 -10.97 12.34
N GLY A 130 -38.38 -12.25 12.62
CA GLY A 130 -39.36 -13.27 12.10
C GLY A 130 -39.13 -13.67 10.66
N HIS A 131 -38.43 -12.92 9.80
CA HIS A 131 -38.20 -13.31 8.45
C HIS A 131 -37.20 -14.42 8.35
N THR A 132 -37.36 -15.26 7.31
CA THR A 132 -36.32 -16.28 7.06
C THR A 132 -35.21 -15.60 6.21
N LYS A 133 -35.59 -14.78 5.24
CA LYS A 133 -34.53 -14.28 4.32
C LYS A 133 -34.31 -12.83 4.69
N GLY A 134 -33.03 -12.45 4.64
CA GLY A 134 -32.63 -11.05 4.85
C GLY A 134 -32.07 -10.52 3.50
N SER A 135 -31.54 -9.30 3.53
CA SER A 135 -31.08 -8.65 2.33
C SER A 135 -29.57 -8.37 2.57
N VAL A 136 -28.89 -8.35 1.46
CA VAL A 136 -27.45 -7.85 1.44
C VAL A 136 -27.44 -6.65 0.54
N PHE A 137 -26.88 -5.53 1.00
CA PHE A 137 -26.86 -4.38 0.15
C PHE A 137 -25.58 -3.60 0.50
N TRP A 138 -25.16 -2.67 -0.33
CA TRP A 138 -23.94 -1.94 0.05
C TRP A 138 -24.15 -0.46 -0.09
N ASN A 139 -23.53 0.34 0.77
CA ASN A 139 -23.80 1.81 0.77
C ASN A 139 -22.47 2.53 0.39
N TYR A 140 -22.61 3.60 -0.37
CA TYR A 140 -21.45 4.49 -0.70
C TYR A 140 -21.73 5.73 0.11
N GLU A 141 -20.79 6.26 0.92
CA GLU A 141 -21.06 7.51 1.59
C GLU A 141 -20.31 8.62 0.87
N ILE A 142 -20.94 9.79 0.61
CA ILE A 142 -20.20 10.82 -0.13
C ILE A 142 -19.07 11.38 0.70
N ASN A 143 -17.96 11.74 -0.01
CA ASN A 143 -16.94 12.49 0.69
C ASN A 143 -17.30 14.00 0.63
N THR A 144 -18.15 14.40 1.58
CA THR A 144 -18.90 15.66 1.47
C THR A 144 -17.98 16.84 1.19
N LYS A 145 -18.37 17.69 0.26
CA LYS A 145 -17.63 18.97 0.01
C LYS A 145 -18.04 19.84 1.14
N GLY A 146 -17.11 20.32 1.97
CA GLY A 146 -17.57 21.18 3.09
C GLY A 146 -18.02 20.40 4.32
N ASP A 147 -19.07 20.84 4.98
CA ASP A 147 -19.45 20.37 6.28
C ASP A 147 -20.05 18.97 6.14
N ASN A 148 -19.41 18.08 6.85
CA ASN A 148 -19.83 16.65 6.81
C ASN A 148 -21.16 16.39 7.54
N SER A 149 -21.74 17.39 8.23
CA SER A 149 -22.98 17.03 8.87
C SER A 149 -24.08 16.85 7.77
N LYS A 150 -23.83 17.27 6.52
CA LYS A 150 -24.86 17.10 5.50
C LYS A 150 -24.61 15.80 4.68
N ARG A 151 -23.69 14.95 5.15
CA ARG A 151 -23.38 13.70 4.37
C ARG A 151 -24.56 12.77 4.25
N TRP A 152 -24.44 11.74 3.36
CA TRP A 152 -25.47 10.69 3.32
C TRP A 152 -24.80 9.50 2.62
N ASP A 153 -25.50 8.38 2.73
CA ASP A 153 -25.13 7.11 2.11
C ASP A 153 -26.14 6.86 0.98
N TYR A 154 -25.68 6.30 -0.11
CA TYR A 154 -26.55 5.87 -1.18
C TYR A 154 -26.48 4.36 -1.22
N SER A 155 -27.63 3.68 -1.06
CA SER A 155 -27.65 2.27 -0.81
C SER A 155 -28.05 1.47 -2.05
N THR A 156 -27.38 0.39 -2.35
CA THR A 156 -27.62 -0.38 -3.57
C THR A 156 -27.86 -1.82 -3.23
N ALA A 157 -28.98 -2.41 -3.59
CA ALA A 157 -29.25 -3.78 -3.27
C ALA A 157 -28.41 -4.84 -3.97
N VAL A 158 -28.00 -5.86 -3.24
CA VAL A 158 -27.34 -7.00 -3.90
C VAL A 158 -28.37 -8.12 -4.07
N TRP A 159 -28.81 -8.73 -2.96
CA TRP A 159 -29.91 -9.77 -3.00
C TRP A 159 -30.91 -9.22 -2.01
N GLY A 160 -32.15 -8.97 -2.47
CA GLY A 160 -33.11 -8.49 -1.48
C GLY A 160 -33.32 -6.99 -1.63
N TYR A 161 -33.48 -6.34 -0.50
CA TYR A 161 -33.77 -4.92 -0.52
C TYR A 161 -32.50 -4.08 -0.27
N ASP A 162 -32.56 -2.82 -0.59
CA ASP A 162 -31.47 -1.90 -0.08
C ASP A 162 -31.94 -1.28 1.29
N MET A 163 -31.18 -0.35 1.88
CA MET A 163 -31.45 -0.01 3.23
C MET A 163 -32.77 0.79 3.31
N SER A 164 -33.25 1.28 2.16
CA SER A 164 -34.38 2.25 2.19
C SER A 164 -35.74 1.53 2.42
N VAL A 165 -35.75 0.22 2.32
CA VAL A 165 -37.04 -0.52 2.44
C VAL A 165 -37.31 -0.68 3.93
N VAL A 166 -38.14 0.17 4.49
CA VAL A 166 -38.39 0.20 5.95
C VAL A 166 -39.81 -0.31 6.18
N GLY A 167 -40.15 -0.48 7.47
CA GLY A 167 -41.54 -0.86 7.78
C GLY A 167 -42.29 0.49 7.93
N PRO A 168 -43.61 0.40 7.77
CA PRO A 168 -44.39 1.66 7.73
C PRO A 168 -44.64 2.07 9.21
N THR A 169 -44.46 1.18 10.18
CA THR A 169 -44.54 1.59 11.64
C THR A 169 -43.46 0.88 12.41
N ALA A 170 -43.26 1.16 13.69
CA ALA A 170 -42.09 0.61 14.42
C ALA A 170 -42.11 -0.86 14.54
N THR A 171 -43.29 -1.48 14.59
CA THR A 171 -43.19 -2.96 14.75
C THR A 171 -43.95 -3.69 13.60
N SER A 172 -44.13 -3.10 12.44
CA SER A 172 -44.67 -3.86 11.32
C SER A 172 -43.60 -3.82 10.18
N TYR A 173 -43.42 -4.93 9.48
CA TYR A 173 -42.23 -5.06 8.60
C TYR A 173 -42.71 -5.23 7.17
N PRO A 174 -41.89 -4.86 6.21
CA PRO A 174 -42.23 -5.18 4.82
C PRO A 174 -42.20 -6.72 4.68
N GLU A 175 -42.68 -7.22 3.59
CA GLU A 175 -42.62 -8.69 3.47
C GLU A 175 -41.14 -9.13 3.22
N GLU A 176 -40.85 -10.35 3.50
CA GLU A 176 -39.43 -10.81 3.36
C GLU A 176 -39.07 -10.77 1.89
N PRO A 177 -37.79 -10.46 1.59
CA PRO A 177 -37.40 -10.40 0.21
C PRO A 177 -37.36 -11.84 -0.33
N GLU A 178 -37.99 -12.06 -1.44
CA GLU A 178 -37.99 -13.41 -2.02
C GLU A 178 -36.63 -13.84 -2.53
N ASP A 179 -35.83 -12.89 -2.96
CA ASP A 179 -34.53 -13.31 -3.45
C ASP A 179 -33.44 -13.14 -2.33
N GLY A 180 -33.79 -13.06 -1.06
CA GLY A 180 -32.72 -12.79 -0.04
C GLY A 180 -31.93 -13.99 0.47
N ILE A 181 -31.23 -13.73 1.57
CA ILE A 181 -30.17 -14.65 2.10
C ILE A 181 -30.57 -14.92 3.53
N ALA A 182 -30.66 -16.21 3.90
CA ALA A 182 -31.05 -16.63 5.27
C ALA A 182 -29.90 -16.44 6.30
N LEU A 183 -30.21 -16.34 7.56
CA LEU A 183 -29.14 -16.58 8.58
C LEU A 183 -28.55 -17.90 8.38
N GLY A 184 -27.22 -17.96 8.48
CA GLY A 184 -26.57 -19.27 8.43
C GLY A 184 -26.32 -19.65 6.97
N GLU A 185 -26.67 -18.79 6.02
CA GLU A 185 -26.45 -19.10 4.58
C GLU A 185 -25.14 -18.43 4.09
N GLU A 186 -24.19 -19.23 3.53
CA GLU A 186 -22.92 -18.69 3.09
CA GLU A 186 -22.92 -18.66 3.18
C GLU A 186 -23.02 -17.73 1.94
N PHE A 187 -22.26 -16.60 1.98
CA PHE A 187 -22.09 -15.82 0.75
C PHE A 187 -20.66 -15.21 0.79
N SER A 188 -20.23 -14.74 -0.38
CA SER A 188 -18.89 -14.16 -0.53
C SER A 188 -19.02 -12.74 -1.04
N TYR A 189 -18.04 -11.87 -0.73
CA TYR A 189 -17.91 -10.61 -1.36
C TYR A 189 -16.42 -10.43 -1.72
N GLU A 190 -16.23 -9.64 -2.71
CA GLU A 190 -14.88 -9.11 -3.00
C GLU A 190 -14.97 -7.66 -3.25
N ILE A 191 -14.09 -6.87 -2.59
CA ILE A 191 -14.03 -5.46 -2.87
C ILE A 191 -12.59 -5.30 -3.54
N ASN A 192 -12.59 -5.00 -4.82
CA ASN A 192 -11.30 -4.88 -5.59
C ASN A 192 -11.13 -3.48 -6.06
N VAL A 193 -10.25 -2.71 -5.43
CA VAL A 193 -10.07 -1.30 -5.85
C VAL A 193 -8.78 -1.30 -6.69
N TYR A 194 -8.93 -1.00 -7.94
CA TYR A 194 -7.78 -0.98 -8.89
C TYR A 194 -7.73 0.34 -9.59
N GLU A 195 -6.60 1.09 -9.41
CA GLU A 195 -6.45 2.36 -9.98
C GLU A 195 -7.64 3.30 -9.68
N GLY A 196 -8.10 3.25 -8.47
CA GLY A 196 -9.07 4.22 -8.02
C GLY A 196 -10.52 3.79 -8.34
N ILE A 197 -10.69 2.67 -9.00
CA ILE A 197 -12.07 2.20 -9.36
C ILE A 197 -12.38 0.96 -8.53
N MET A 198 -13.56 0.96 -7.84
CA MET A 198 -13.91 -0.09 -6.94
C MET A 198 -14.82 -1.05 -7.75
N TYR A 199 -14.40 -2.30 -7.90
CA TYR A 199 -15.13 -3.31 -8.59
C TYR A 199 -15.60 -4.30 -7.49
N LEU A 200 -16.94 -4.50 -7.34
CA LEU A 200 -17.47 -5.39 -6.35
C LEU A 200 -18.00 -6.64 -6.98
N THR A 201 -17.80 -7.76 -6.23
CA THR A 201 -18.45 -9.01 -6.72
C THR A 201 -19.08 -9.62 -5.54
N PHE A 202 -20.31 -10.08 -5.70
CA PHE A 202 -21.00 -10.81 -4.63
C PHE A 202 -21.55 -12.14 -5.11
N SER A 203 -21.27 -13.23 -4.39
CA SER A 203 -21.73 -14.53 -4.92
CA SER A 203 -21.70 -14.56 -4.90
C SER A 203 -22.25 -15.37 -3.78
N SER A 204 -23.16 -16.28 -4.09
CA SER A 204 -23.70 -17.17 -3.09
C SER A 204 -24.36 -18.35 -3.83
N GLU A 205 -24.10 -19.56 -3.35
CA GLU A 205 -24.57 -20.73 -4.12
C GLU A 205 -26.13 -20.66 -4.31
N GLY A 206 -26.54 -20.78 -5.56
CA GLY A 206 -27.97 -20.79 -5.79
C GLY A 206 -28.54 -19.40 -6.03
N HIS A 207 -27.72 -18.36 -5.95
CA HIS A 207 -28.06 -17.02 -6.23
C HIS A 207 -27.22 -16.45 -7.30
N LYS A 208 -27.72 -15.39 -7.93
CA LYS A 208 -26.99 -14.78 -9.03
C LYS A 208 -25.74 -14.08 -8.49
N THR A 209 -24.65 -14.18 -9.23
CA THR A 209 -23.42 -13.37 -8.84
C THR A 209 -23.67 -11.97 -9.34
N ILE A 210 -23.44 -10.99 -8.51
CA ILE A 210 -23.81 -9.66 -8.85
C ILE A 210 -22.57 -8.76 -8.78
N LYS A 211 -22.34 -7.95 -9.79
CA LYS A 211 -21.09 -7.13 -9.83
C LYS A 211 -21.43 -5.67 -9.90
N PHE A 212 -20.56 -4.78 -9.41
CA PHE A 212 -20.83 -3.34 -9.50
C PHE A 212 -19.45 -2.66 -9.81
N THR A 213 -19.51 -1.47 -10.38
CA THR A 213 -18.25 -0.65 -10.62
C THR A 213 -18.53 0.67 -10.07
N LYS A 214 -17.68 1.22 -9.23
CA LYS A 214 -17.90 2.60 -8.73
C LYS A 214 -16.54 3.33 -8.72
N ASN A 215 -16.44 4.45 -9.47
CA ASN A 215 -15.17 5.17 -9.53
C ASN A 215 -15.01 5.96 -8.25
N LEU A 216 -13.93 5.75 -7.50
CA LEU A 216 -13.74 6.52 -6.26
C LEU A 216 -12.91 7.82 -6.42
N LEU A 217 -12.56 8.12 -7.70
CA LEU A 217 -11.77 9.31 -8.01
C LEU A 217 -12.56 10.44 -8.63
N LYS A 218 -13.79 10.15 -9.09
CA LYS A 218 -14.56 11.22 -9.82
C LYS A 218 -16.00 11.05 -9.27
N SER A 219 -16.49 12.08 -8.64
CA SER A 219 -17.81 11.97 -8.01
C SER A 219 -18.95 12.04 -9.07
N ASN A 220 -20.04 11.33 -8.84
CA ASN A 220 -21.29 11.44 -9.57
C ASN A 220 -22.22 12.43 -8.89
N PHE A 221 -21.80 13.02 -7.77
CA PHE A 221 -22.76 13.72 -6.89
C PHE A 221 -22.33 15.15 -6.59
N THR A 222 -21.94 15.91 -7.61
CA THR A 222 -21.22 17.20 -7.34
C THR A 222 -22.22 18.36 -7.25
N LYS A 223 -23.51 18.12 -7.57
CA LYS A 223 -24.54 19.18 -7.31
C LYS A 223 -25.87 18.69 -6.87
N LYS A 224 -26.71 19.62 -6.40
CA LYS A 224 -27.98 19.21 -5.78
C LYS A 224 -28.84 18.37 -6.72
N SER A 225 -28.80 18.68 -8.01
CA SER A 225 -29.62 17.96 -9.00
C SER A 225 -29.14 16.53 -9.30
N ASP A 226 -27.96 16.20 -8.78
CA ASP A 226 -27.46 14.84 -8.80
C ASP A 226 -27.75 13.98 -7.56
N ILE A 227 -28.32 14.53 -6.49
CA ILE A 227 -28.62 13.66 -5.35
C ILE A 227 -29.68 12.66 -5.73
N PRO A 228 -29.46 11.36 -5.57
CA PRO A 228 -30.53 10.44 -5.96
C PRO A 228 -31.90 10.64 -5.21
N GLN A 229 -33.00 10.31 -5.88
CA GLN A 229 -34.26 10.31 -5.13
C GLN A 229 -34.28 9.48 -3.89
N GLN A 230 -33.47 8.36 -3.82
CA GLN A 230 -33.45 7.57 -2.65
C GLN A 230 -33.02 8.42 -1.46
N ILE A 231 -32.09 9.34 -1.70
CA ILE A 231 -31.53 10.17 -0.55
C ILE A 231 -32.66 11.16 -0.13
N LYS A 232 -33.31 11.77 -1.12
CA LYS A 232 -34.39 12.81 -0.77
C LYS A 232 -35.40 12.10 0.07
N THR A 233 -35.81 10.88 -0.33
CA THR A 233 -36.81 10.12 0.37
C THR A 233 -36.30 9.63 1.76
N LEU A 234 -35.21 8.90 1.77
CA LEU A 234 -34.87 8.23 3.06
C LEU A 234 -34.40 9.31 4.11
N TYR A 235 -33.78 10.42 3.64
CA TYR A 235 -33.29 11.41 4.59
C TYR A 235 -34.33 12.55 4.78
N ALA A 236 -35.60 12.36 4.30
CA ALA A 236 -36.50 13.52 4.33
C ALA A 236 -36.77 13.97 5.82
N SER A 237 -36.67 13.05 6.80
CA SER A 237 -37.04 13.67 8.11
CA SER A 237 -36.92 13.35 8.25
C SER A 237 -35.78 14.16 8.83
N ILE A 238 -34.58 13.82 8.31
CA ILE A 238 -33.25 14.23 8.88
C ILE A 238 -32.80 15.54 8.38
N GLY A 239 -32.95 15.83 7.06
CA GLY A 239 -32.43 17.05 6.43
C GLY A 239 -30.97 16.75 6.03
N ARG A 240 -30.70 16.08 4.89
CA ARG A 240 -29.27 15.85 4.41
C ARG A 240 -29.28 16.00 2.92
N ASP A 241 -28.61 17.04 2.51
CA ASP A 241 -28.63 17.47 1.17
C ASP A 241 -27.19 17.89 0.78
N GLY A 242 -26.15 17.19 1.36
CA GLY A 242 -24.79 17.56 0.93
C GLY A 242 -24.49 17.20 -0.51
N ILE A 243 -23.46 17.82 -1.02
CA ILE A 243 -22.89 17.48 -2.29
C ILE A 243 -21.46 16.93 -2.02
N GLU A 244 -20.94 16.22 -3.01
CA GLU A 244 -19.63 15.56 -2.82
C GLU A 244 -18.54 16.33 -3.53
N ARG A 245 -17.36 16.34 -2.97
CA ARG A 245 -16.22 16.98 -3.71
C ARG A 245 -16.01 16.30 -5.04
N GLU A 246 -15.45 17.07 -5.97
CA GLU A 246 -15.43 16.68 -7.35
C GLU A 246 -14.60 15.41 -7.51
N ASN A 247 -13.57 15.30 -6.69
CA ASN A 247 -12.65 14.13 -6.86
C ASN A 247 -12.87 13.05 -5.84
N ALA A 248 -14.07 13.11 -5.24
CA ALA A 248 -14.49 12.04 -4.30
C ALA A 248 -13.36 11.66 -3.33
N TYR A 249 -12.92 10.39 -3.33
CA TYR A 249 -11.97 10.00 -2.29
C TYR A 249 -10.51 9.99 -2.93
N ALA A 250 -10.37 10.54 -4.16
CA ALA A 250 -8.93 10.60 -4.76
C ALA A 250 -7.91 11.05 -3.69
N GLY A 251 -6.84 10.24 -3.47
CA GLY A 251 -5.74 10.63 -2.63
C GLY A 251 -6.04 10.57 -1.14
N GLU A 252 -7.23 10.10 -0.79
CA GLU A 252 -7.60 10.05 0.65
C GLU A 252 -7.20 8.70 1.23
N ILE A 253 -6.45 8.72 2.33
CA ILE A 253 -5.95 7.43 2.84
C ILE A 253 -7.08 6.60 3.47
N GLN A 254 -7.09 5.32 3.14
CA GLN A 254 -8.13 4.40 3.72
C GLN A 254 -7.68 3.04 3.93
N TYR A 255 -8.57 2.20 4.52
CA TYR A 255 -8.17 0.87 4.80
C TYR A 255 -9.39 -0.04 4.90
N PHE A 256 -9.19 -1.31 4.73
CA PHE A 256 -10.36 -2.25 4.86
C PHE A 256 -10.69 -2.53 6.25
N LYS A 257 -11.98 -2.90 6.51
CA LYS A 257 -12.39 -3.46 7.80
C LYS A 257 -13.34 -4.62 7.56
N LEU A 258 -13.38 -5.53 8.50
CA LEU A 258 -14.15 -6.79 8.28
C LEU A 258 -14.52 -7.25 9.64
N GLY A 259 -15.77 -7.80 9.79
CA GLY A 259 -16.17 -8.44 11.06
C GLY A 259 -17.69 -8.20 11.28
N ALA A 260 -18.07 -7.79 12.51
CA ALA A 260 -19.48 -7.50 12.82
C ALA A 260 -19.56 -6.10 13.39
N TYR A 261 -19.99 -5.15 12.56
CA TYR A 261 -20.12 -3.74 13.04
C TYR A 261 -21.64 -3.60 13.12
N ASN A 262 -22.12 -3.63 14.32
CA ASN A 262 -23.62 -3.73 14.59
C ASN A 262 -24.24 -2.42 14.25
N GLN A 263 -25.26 -2.36 13.36
CA GLN A 263 -25.83 -1.04 13.16
C GLN A 263 -27.13 -0.92 13.96
N THR A 264 -27.43 -1.89 14.81
CA THR A 264 -28.61 -1.63 15.68
C THR A 264 -28.11 -1.19 17.08
N ASN A 265 -28.49 0.01 17.44
CA ASN A 265 -28.14 0.62 18.75
C ASN A 265 -29.38 0.92 19.53
N GLY A 266 -29.18 1.55 20.69
CA GLY A 266 -30.36 1.88 21.52
C GLY A 266 -30.66 3.34 21.51
N LYS A 267 -30.15 4.10 20.52
CA LYS A 267 -30.45 5.51 20.44
C LYS A 267 -31.89 5.76 20.03
N SER A 268 -32.40 6.93 20.42
CA SER A 268 -33.79 7.26 20.14
CA SER A 268 -33.76 7.26 20.15
C SER A 268 -33.99 7.58 18.68
N PRO A 269 -34.96 6.90 18.03
CA PRO A 269 -35.23 7.20 16.58
C PRO A 269 -35.53 8.63 16.33
N GLU A 270 -36.17 9.31 17.30
CA GLU A 270 -36.48 10.75 17.12
C GLU A 270 -35.21 11.54 16.88
N ASP A 271 -34.11 11.12 17.42
CA ASP A 271 -32.89 11.87 17.19
C ASP A 271 -32.24 11.67 15.81
N ASN A 272 -32.44 10.51 15.17
CA ASN A 272 -31.92 10.35 13.82
C ASN A 272 -32.72 9.14 13.24
N LEU A 273 -33.75 9.45 12.49
CA LEU A 273 -34.62 8.40 11.90
CA LEU A 273 -34.62 8.43 11.94
C LEU A 273 -33.97 7.44 10.93
N VAL A 274 -32.72 7.66 10.46
CA VAL A 274 -32.08 6.73 9.55
C VAL A 274 -31.14 5.77 10.28
N TRP A 275 -30.50 6.27 11.35
CA TRP A 275 -29.43 5.45 12.03
C TRP A 275 -29.67 5.17 13.51
N SER A 276 -30.61 5.87 14.21
CA SER A 276 -30.82 5.60 15.66
C SER A 276 -32.01 4.67 15.75
N THR A 277 -31.72 3.41 16.13
CA THR A 277 -32.70 2.36 15.90
C THR A 277 -33.58 2.00 17.11
N GLY A 278 -33.27 2.53 18.29
CA GLY A 278 -34.21 2.39 19.45
C GLY A 278 -34.43 0.91 19.81
N ALA A 279 -33.41 0.07 19.74
CA ALA A 279 -33.55 -1.34 20.06
C ALA A 279 -33.40 -1.54 21.57
N ASP A 280 -33.69 -2.75 22.00
CA ASP A 280 -33.58 -3.08 23.43
C ASP A 280 -32.09 -3.30 23.72
N VAL A 281 -31.51 -2.54 24.69
CA VAL A 281 -30.02 -2.66 24.92
C VAL A 281 -29.78 -2.98 26.41
N TYR A 282 -30.86 -3.09 27.24
CA TYR A 282 -30.67 -3.57 28.71
C TYR A 282 -29.60 -2.73 29.41
N ASP A 283 -29.68 -1.41 29.22
CA ASP A 283 -28.78 -0.46 29.83
C ASP A 283 -27.26 -0.79 29.63
N GLY A 284 -26.93 -1.39 28.48
CA GLY A 284 -25.54 -1.61 28.19
C GLY A 284 -24.99 -2.93 28.74
N ASP A 285 -25.84 -3.74 29.34
CA ASP A 285 -25.33 -4.95 29.97
C ASP A 285 -25.13 -6.00 28.89
N ILE A 286 -23.89 -6.36 28.64
CA ILE A 286 -23.63 -7.20 27.45
C ILE A 286 -24.22 -8.60 27.64
N ALA A 287 -24.03 -9.23 28.82
CA ALA A 287 -24.60 -10.55 29.03
C ALA A 287 -26.14 -10.51 28.89
N LYS A 288 -26.84 -9.48 29.35
CA LYS A 288 -28.32 -9.46 29.20
C LYS A 288 -28.74 -9.27 27.67
N GLN A 289 -27.97 -8.47 26.94
CA GLN A 289 -28.23 -8.32 25.50
C GLN A 289 -27.99 -9.68 24.80
N TYR A 290 -26.95 -10.37 25.19
CA TYR A 290 -26.69 -11.66 24.58
C TYR A 290 -27.74 -12.70 24.85
N ALA A 291 -28.39 -12.60 26.02
CA ALA A 291 -29.40 -13.55 26.37
C ALA A 291 -30.72 -13.22 25.77
N ASN A 292 -30.85 -12.03 25.20
CA ASN A 292 -32.23 -11.63 24.71
C ASN A 292 -32.18 -11.16 23.23
N GLY A 293 -31.21 -11.62 22.44
CA GLY A 293 -31.27 -11.31 21.01
C GLY A 293 -30.75 -9.95 20.60
N SER A 294 -30.18 -9.18 21.51
CA SER A 294 -29.79 -7.82 21.23
C SER A 294 -28.28 -7.82 20.86
N TYR A 295 -28.00 -8.49 19.73
CA TYR A 295 -26.62 -8.53 19.26
C TYR A 295 -26.55 -8.99 17.83
N ALA A 296 -25.32 -8.85 17.24
CA ALA A 296 -25.16 -9.37 15.93
C ALA A 296 -23.98 -10.34 15.98
N GLU A 297 -23.97 -11.30 15.08
CA GLU A 297 -22.96 -12.30 15.11
C GLU A 297 -22.69 -12.80 13.69
N VAL A 298 -21.44 -12.79 13.26
CA VAL A 298 -21.15 -13.04 11.82
C VAL A 298 -19.92 -14.02 11.86
N TRP A 299 -19.97 -15.05 11.01
CA TRP A 299 -18.88 -16.03 10.99
C TRP A 299 -18.18 -15.99 9.70
N PHE A 300 -16.85 -16.01 9.71
CA PHE A 300 -16.16 -15.92 8.44
C PHE A 300 -15.36 -17.15 8.27
N LYS A 301 -15.32 -17.68 7.07
CA LYS A 301 -14.35 -18.81 6.93
C LYS A 301 -13.16 -18.40 6.05
N GLU A 302 -13.27 -17.26 5.40
CA GLU A 302 -12.10 -16.82 4.62
C GLU A 302 -12.11 -15.31 4.70
N ALA A 303 -10.92 -14.68 4.90
CA ALA A 303 -10.78 -13.19 4.89
C ALA A 303 -9.35 -13.03 4.32
N THR A 304 -9.23 -12.51 3.12
CA THR A 304 -7.91 -12.37 2.47
C THR A 304 -7.73 -10.97 1.99
N LEU A 305 -6.56 -10.39 2.24
CA LEU A 305 -6.17 -9.08 1.66
C LEU A 305 -5.26 -9.30 0.51
N GLY A 306 -5.37 -8.52 -0.55
CA GLY A 306 -4.33 -8.58 -1.65
C GLY A 306 -4.34 -7.25 -2.41
N SER A 307 -3.62 -7.26 -3.53
CA SER A 307 -3.50 -6.04 -4.23
C SER A 307 -4.75 -5.97 -5.16
N GLY A 308 -5.12 -4.72 -5.47
CA GLY A 308 -6.12 -4.44 -6.50
C GLY A 308 -5.68 -5.05 -7.85
N SER A 309 -6.63 -5.49 -8.65
CA SER A 309 -6.31 -6.05 -9.97
C SER A 309 -7.25 -5.62 -11.04
N ALA A 310 -6.74 -5.57 -12.27
CA ALA A 310 -7.57 -5.18 -13.49
C ALA A 310 -8.65 -6.25 -13.63
N PRO A 311 -9.94 -5.86 -13.70
CA PRO A 311 -10.90 -7.01 -13.97
C PRO A 311 -10.56 -7.68 -15.38
N GLU A 312 -10.54 -9.01 -15.47
CA GLU A 312 -10.04 -9.74 -16.67
C GLU A 312 -10.92 -9.49 -17.87
N THR B 1 19.64 -25.06 -7.34
CA THR B 1 18.54 -24.03 -7.55
C THR B 1 18.60 -23.44 -8.99
N LYS B 2 17.61 -22.70 -9.37
CA LYS B 2 17.92 -22.09 -10.58
C LYS B 2 17.11 -20.86 -10.72
N TYR B 3 15.91 -20.88 -10.11
CA TYR B 3 15.15 -19.66 -10.35
C TYR B 3 15.38 -18.73 -9.13
N PRO B 4 15.56 -17.44 -9.40
CA PRO B 4 15.67 -16.49 -8.30
C PRO B 4 14.43 -16.65 -7.42
N SER B 5 13.30 -17.13 -7.96
CA SER B 5 12.07 -17.16 -7.04
C SER B 5 12.20 -18.34 -6.05
N GLU B 6 13.19 -19.26 -6.24
CA GLU B 6 13.39 -20.24 -5.18
C GLU B 6 14.11 -19.66 -3.98
N LEU B 7 14.68 -18.46 -4.19
CA LEU B 7 15.45 -17.81 -3.09
C LEU B 7 14.72 -16.68 -2.50
N ILE B 8 13.83 -16.05 -3.24
CA ILE B 8 13.08 -14.87 -2.79
C ILE B 8 11.60 -15.18 -2.81
N PRO B 9 11.10 -15.47 -1.61
CA PRO B 9 9.65 -15.95 -1.57
C PRO B 9 8.66 -14.91 -1.98
N GLN B 10 9.04 -13.61 -2.01
CA GLN B 10 8.13 -12.56 -2.44
C GLN B 10 8.38 -12.19 -3.91
N MET B 11 8.95 -13.10 -4.68
CA MET B 11 9.19 -12.77 -6.08
C MET B 11 7.94 -12.35 -6.84
N ASP B 12 6.74 -12.87 -6.52
CA ASP B 12 5.58 -12.43 -7.17
C ASP B 12 5.16 -11.00 -6.87
N GLU B 13 5.83 -10.35 -5.91
CA GLU B 13 5.55 -8.91 -5.73
C GLU B 13 6.37 -7.92 -6.63
N TRP B 14 7.21 -8.47 -7.50
CA TRP B 14 8.07 -7.62 -8.35
C TRP B 14 7.91 -7.95 -9.80
N LYS B 15 8.14 -6.90 -10.62
CA LYS B 15 8.25 -7.12 -12.04
C LYS B 15 9.76 -6.84 -12.36
N ILE B 16 10.19 -7.19 -13.58
CA ILE B 16 11.60 -6.83 -13.92
C ILE B 16 11.74 -6.23 -15.27
N LEU B 17 12.83 -5.37 -15.42
CA LEU B 17 13.26 -5.02 -16.73
C LEU B 17 14.69 -5.54 -16.80
N LEU B 18 15.05 -6.23 -17.88
CA LEU B 18 16.43 -6.66 -18.06
C LEU B 18 17.23 -5.75 -18.91
N GLY B 19 18.55 -6.00 -18.91
CA GLY B 19 19.48 -5.12 -19.61
C GLY B 19 19.28 -5.24 -21.12
N ASP B 20 18.65 -6.31 -21.61
CA ASP B 20 18.39 -6.43 -23.09
C ASP B 20 16.99 -5.81 -23.42
N GLY B 21 16.34 -5.11 -22.45
CA GLY B 21 15.01 -4.47 -22.69
C GLY B 21 13.84 -5.40 -22.41
N THR B 22 14.09 -6.64 -22.01
CA THR B 22 12.91 -7.55 -21.74
C THR B 22 12.17 -7.06 -20.50
N HIS B 23 10.83 -6.95 -20.55
CA HIS B 23 10.03 -6.70 -19.37
C HIS B 23 9.37 -7.99 -19.00
N LYS B 24 9.22 -8.32 -17.74
CA LYS B 24 8.49 -9.60 -17.42
C LYS B 24 7.79 -9.28 -16.11
N GLU B 25 6.48 -9.54 -16.06
CA GLU B 25 5.68 -9.22 -14.89
C GLU B 25 5.66 -10.40 -13.91
N ASP B 26 5.64 -11.65 -14.41
CA ASP B 26 5.51 -12.85 -13.55
CA ASP B 26 5.44 -12.75 -13.58
C ASP B 26 6.82 -13.45 -13.42
N LEU B 27 7.43 -13.27 -12.27
CA LEU B 27 8.81 -13.72 -12.08
C LEU B 27 8.98 -15.03 -11.42
N VAL B 28 7.86 -15.67 -11.00
CA VAL B 28 8.04 -17.01 -10.40
C VAL B 28 8.47 -18.01 -11.49
N ASN B 29 9.52 -18.77 -11.20
CA ASN B 29 10.11 -19.68 -12.19
C ASN B 29 10.55 -18.98 -13.46
N TYR B 30 11.32 -17.89 -13.31
CA TYR B 30 11.80 -17.12 -14.46
C TYR B 30 13.29 -16.86 -14.25
N ALA B 31 14.08 -17.11 -15.28
CA ALA B 31 15.48 -16.69 -15.22
C ALA B 31 15.87 -16.35 -16.65
N LYS B 32 16.93 -15.50 -16.86
CA LYS B 32 17.40 -15.31 -18.20
C LYS B 32 18.91 -15.28 -18.07
N ASP B 33 19.60 -16.22 -18.74
CA ASP B 33 21.09 -16.30 -18.64
C ASP B 33 21.69 -14.92 -19.00
N ASP B 34 22.77 -14.61 -18.31
CA ASP B 34 23.50 -13.28 -18.57
C ASP B 34 22.75 -12.03 -18.02
N PHE B 35 21.55 -12.19 -17.43
CA PHE B 35 20.87 -11.03 -16.81
C PHE B 35 20.34 -11.33 -15.45
N PHE B 36 19.53 -12.41 -15.29
CA PHE B 36 18.82 -12.57 -14.02
C PHE B 36 18.80 -14.07 -13.73
N TYR B 37 19.62 -14.53 -12.78
CA TYR B 37 19.80 -15.94 -12.61
C TYR B 37 20.35 -16.22 -11.22
N VAL B 38 20.67 -17.45 -10.94
CA VAL B 38 21.10 -17.73 -9.55
C VAL B 38 22.54 -18.25 -9.69
N GLU B 39 23.41 -17.88 -8.75
CA GLU B 39 24.75 -18.39 -8.72
C GLU B 39 24.92 -18.99 -7.33
N HIS B 40 25.55 -20.18 -7.30
CA HIS B 40 25.79 -20.87 -6.04
C HIS B 40 27.21 -20.61 -5.59
N GLU B 41 27.44 -20.21 -4.36
CA GLU B 41 28.85 -19.98 -4.07
C GLU B 41 29.17 -20.37 -2.64
N ASN B 42 30.17 -21.26 -2.49
CA ASN B 42 30.45 -21.96 -1.20
C ASN B 42 29.11 -22.49 -0.59
N GLU B 43 28.50 -21.86 0.39
CA GLU B 43 27.40 -22.51 1.01
C GLU B 43 26.16 -21.66 0.90
N THR B 44 26.19 -20.64 0.05
CA THR B 44 24.98 -19.83 -0.21
C THR B 44 24.58 -19.61 -1.69
N ASP B 45 23.28 -19.56 -1.92
CA ASP B 45 22.77 -19.20 -3.27
C ASP B 45 22.41 -17.72 -3.37
N TRP B 46 22.79 -17.11 -4.50
CA TRP B 46 22.51 -15.68 -4.68
C TRP B 46 21.71 -15.40 -5.92
N VAL B 47 20.86 -14.38 -5.85
CA VAL B 47 20.19 -13.90 -7.05
C VAL B 47 21.12 -12.84 -7.73
N VAL B 48 21.47 -13.12 -8.96
CA VAL B 48 22.40 -12.25 -9.71
C VAL B 48 21.64 -11.31 -10.64
N PHE B 49 21.89 -9.98 -10.59
CA PHE B 49 21.42 -9.09 -11.64
C PHE B 49 22.67 -8.63 -12.38
N LYS B 50 22.67 -8.80 -13.68
CA LYS B 50 23.86 -8.39 -14.43
C LYS B 50 23.33 -7.56 -15.57
N THR B 51 24.07 -6.48 -15.88
CA THR B 51 23.60 -5.58 -16.99
C THR B 51 24.82 -4.92 -17.66
N PRO B 52 24.76 -4.71 -18.97
CA PRO B 52 25.88 -4.02 -19.68
C PRO B 52 25.78 -2.52 -19.44
N ASN B 53 26.84 -1.81 -19.81
CA ASN B 53 26.72 -0.38 -19.71
C ASN B 53 25.76 0.17 -20.78
N SER B 54 25.60 -0.53 -21.92
CA SER B 54 24.70 0.04 -22.90
C SER B 54 23.87 -1.17 -23.43
N GLY B 55 22.60 -1.29 -22.99
CA GLY B 55 21.75 -2.45 -23.51
C GLY B 55 20.52 -1.72 -24.08
N ILE B 56 19.34 -2.16 -23.79
CA ILE B 56 18.15 -1.43 -24.18
C ILE B 56 17.60 -0.81 -22.89
N THR B 57 17.44 0.52 -22.88
CA THR B 57 17.10 1.19 -21.67
C THR B 57 15.58 1.36 -21.57
N SER B 58 15.09 1.68 -20.36
CA SER B 58 13.72 2.10 -20.18
C SER B 58 13.50 3.43 -20.92
N ARG B 59 12.23 3.78 -21.19
CA ARG B 59 11.95 5.06 -21.82
C ARG B 59 12.37 6.20 -20.90
N THR B 60 12.36 5.94 -19.60
CA THR B 60 12.57 6.97 -18.55
C THR B 60 14.12 7.30 -18.39
N SER B 61 15.05 6.54 -19.03
CA SER B 61 16.45 6.69 -18.58
C SER B 61 17.45 6.43 -19.69
N SER B 62 18.62 7.04 -19.58
CA SER B 62 19.71 6.71 -20.50
C SER B 62 20.54 5.53 -20.02
N ASN B 63 20.29 5.10 -18.79
CA ASN B 63 21.16 4.04 -18.23
C ASN B 63 20.41 2.68 -18.37
N THR B 64 21.20 1.62 -18.51
CA THR B 64 20.67 0.29 -18.63
C THR B 64 20.55 -0.37 -17.27
N ARG B 65 19.51 -1.26 -17.10
CA ARG B 65 19.33 -1.86 -15.80
C ARG B 65 18.84 -3.31 -15.97
N THR B 66 19.22 -4.18 -15.00
CA THR B 66 18.42 -5.44 -14.83
C THR B 66 17.98 -5.18 -13.44
N GLU B 67 16.66 -4.94 -13.21
CA GLU B 67 16.26 -4.41 -11.90
C GLU B 67 14.75 -4.73 -11.72
N LEU B 68 14.48 -5.14 -10.49
CA LEU B 68 13.05 -5.36 -10.04
C LEU B 68 12.35 -4.06 -9.79
N GLY B 69 11.02 -3.99 -10.08
CA GLY B 69 10.27 -2.84 -9.66
C GLY B 69 9.09 -3.41 -8.88
N GLN B 70 8.77 -2.84 -7.72
CA GLN B 70 7.69 -3.38 -6.86
C GLN B 70 6.34 -3.09 -7.57
N LYS B 71 5.44 -4.11 -7.61
CA LYS B 71 4.19 -3.91 -8.38
C LYS B 71 3.19 -3.03 -7.60
N LYS B 72 3.19 -3.18 -6.30
CA LYS B 72 2.10 -2.45 -5.51
C LYS B 72 2.66 -1.10 -5.00
N HIS B 73 2.12 0.00 -5.48
CA HIS B 73 2.74 1.29 -5.17
C HIS B 73 2.21 1.88 -3.92
N TRP B 74 2.77 3.01 -3.46
CA TRP B 74 2.37 3.56 -2.16
C TRP B 74 2.79 5.00 -2.11
N ILE B 75 2.14 5.80 -1.25
CA ILE B 75 2.62 7.14 -1.05
C ILE B 75 3.44 7.12 0.26
N PRO B 76 4.34 8.15 0.42
CA PRO B 76 5.17 8.09 1.59
C PRO B 76 4.37 8.08 2.93
N GLU B 77 3.21 8.77 2.98
CA GLU B 77 2.38 8.74 4.20
C GLU B 77 2.02 7.34 4.61
N THR B 78 1.82 6.44 3.66
CA THR B 78 1.39 5.15 4.06
C THR B 78 2.60 4.20 4.22
N GLY B 79 3.64 4.46 3.44
CA GLY B 79 4.90 3.85 3.85
C GLY B 79 5.21 2.53 3.23
N GLY B 80 6.40 2.00 3.61
CA GLY B 80 6.81 0.69 3.06
C GLY B 80 8.28 0.46 3.53
N LYS B 81 8.71 -0.78 3.49
CA LYS B 81 10.07 -1.11 3.97
C LYS B 81 10.66 -2.11 3.04
N LEU B 82 11.90 -1.82 2.65
CA LEU B 82 12.64 -2.74 1.80
C LEU B 82 13.95 -3.11 2.57
N ASN B 83 14.24 -4.40 2.70
CA ASN B 83 15.47 -4.89 3.31
C ASN B 83 16.21 -5.70 2.30
N ALA B 84 17.55 -5.45 2.19
CA ALA B 84 18.28 -6.27 1.25
C ALA B 84 19.68 -6.58 1.80
N THR B 85 20.19 -7.75 1.43
CA THR B 85 21.59 -8.07 1.74
C THR B 85 22.19 -8.47 0.46
N LEU B 86 23.39 -7.90 0.15
CA LEU B 86 23.90 -8.11 -1.22
C LEU B 86 25.42 -7.98 -1.19
N LYS B 87 26.03 -8.21 -2.35
CA LYS B 87 27.44 -7.79 -2.51
C LYS B 87 27.52 -7.40 -4.02
N VAL B 88 28.30 -6.39 -4.27
CA VAL B 88 28.52 -5.99 -5.65
C VAL B 88 29.72 -6.74 -6.21
N GLN B 89 29.53 -7.39 -7.33
CA GLN B 89 30.62 -8.26 -7.84
C GLN B 89 31.33 -7.51 -8.98
N HIS B 90 30.75 -6.47 -9.62
CA HIS B 90 31.47 -5.80 -10.76
C HIS B 90 30.80 -4.51 -11.04
N VAL B 91 31.64 -3.44 -11.29
CA VAL B 91 31.17 -2.22 -11.88
C VAL B 91 31.98 -1.91 -13.13
N SER B 92 31.59 -0.97 -13.94
CA SER B 92 32.28 -0.84 -15.23
C SER B 92 33.74 -0.44 -14.95
N THR B 93 34.62 -1.09 -15.73
CA THR B 93 36.05 -0.82 -15.56
C THR B 93 36.46 0.33 -16.52
N SER B 94 35.54 0.88 -17.33
CA SER B 94 35.83 2.02 -18.15
C SER B 94 34.84 3.14 -17.87
N GLY B 95 35.29 4.34 -18.20
CA GLY B 95 34.42 5.56 -17.94
C GLY B 95 35.38 6.71 -17.63
N ASP B 96 34.84 7.88 -17.80
CA ASP B 96 35.64 9.14 -17.54
C ASP B 96 35.60 9.37 -16.06
N ALA B 97 36.76 9.32 -15.41
CA ALA B 97 36.75 9.40 -13.96
C ALA B 97 36.38 10.78 -13.44
N ARG B 98 36.21 11.76 -14.29
CA ARG B 98 35.83 13.05 -13.80
C ARG B 98 34.28 13.12 -13.56
N VAL B 99 33.61 12.11 -14.15
CA VAL B 99 32.10 12.16 -14.17
C VAL B 99 31.62 11.44 -12.91
N ALA B 100 30.74 12.13 -12.13
CA ALA B 100 30.33 11.65 -10.79
C ALA B 100 29.71 10.18 -10.84
N ALA B 101 28.94 9.90 -11.89
CA ALA B 101 28.24 8.55 -11.90
C ALA B 101 29.17 7.45 -12.35
N SER B 102 30.37 7.78 -12.87
CA SER B 102 31.15 6.64 -13.43
C SER B 102 31.52 5.60 -12.45
N TYR B 103 31.57 4.36 -12.95
CA TYR B 103 31.96 3.16 -12.15
C TYR B 103 31.01 2.86 -11.02
N SER B 104 29.73 3.23 -11.21
CA SER B 104 28.83 3.00 -10.09
C SER B 104 27.58 2.17 -10.59
N VAL B 105 26.82 1.72 -9.60
CA VAL B 105 25.58 0.87 -9.89
C VAL B 105 24.65 1.25 -8.76
N VAL B 106 23.33 1.39 -9.09
CA VAL B 106 22.34 1.71 -8.00
C VAL B 106 21.77 0.31 -7.69
N VAL B 107 21.65 0.00 -6.38
CA VAL B 107 21.32 -1.32 -5.85
C VAL B 107 20.02 -1.26 -5.07
N GLY B 108 19.45 -0.04 -4.93
CA GLY B 108 18.07 0.02 -4.36
C GLY B 108 17.55 1.43 -4.54
N GLN B 109 16.22 1.57 -4.68
CA GLN B 109 15.74 3.01 -4.95
C GLN B 109 14.30 2.99 -4.43
N ILE B 110 13.84 4.21 -4.18
CA ILE B 110 12.36 4.50 -4.23
C ILE B 110 12.23 5.34 -5.49
N HIS B 111 11.28 5.00 -6.39
CA HIS B 111 11.14 5.76 -7.64
C HIS B 111 9.69 6.22 -7.71
N SER B 112 9.48 7.49 -8.04
CA SER B 112 8.10 7.99 -8.19
CA SER B 112 8.09 7.99 -8.24
C SER B 112 7.46 7.50 -9.50
N ASP B 113 6.17 7.10 -9.38
CA ASP B 113 5.45 6.67 -10.56
C ASP B 113 4.73 7.82 -11.31
N GLU B 114 4.76 9.01 -10.78
CA GLU B 114 4.01 10.12 -11.38
C GLU B 114 4.71 11.46 -11.21
N GLY B 115 4.09 12.49 -11.74
CA GLY B 115 4.70 13.82 -11.58
C GLY B 115 6.02 13.82 -12.41
N HIS B 116 7.06 14.32 -11.75
CA HIS B 116 8.42 14.33 -12.35
C HIS B 116 9.04 12.99 -12.44
N GLU B 117 8.47 12.00 -11.79
CA GLU B 117 9.10 10.67 -11.79
C GLU B 117 10.58 10.63 -11.26
N ASN B 118 10.77 11.41 -10.22
CA ASN B 118 12.13 11.51 -9.59
C ASN B 118 12.26 10.48 -8.49
N GLU B 119 13.49 10.34 -7.95
CA GLU B 119 13.72 9.34 -6.88
C GLU B 119 13.98 9.95 -5.53
N PRO B 120 13.15 9.65 -4.54
CA PRO B 120 13.44 10.06 -3.15
C PRO B 120 14.77 9.37 -2.72
N ILE B 121 15.08 8.18 -3.23
CA ILE B 121 16.45 7.70 -2.85
C ILE B 121 16.92 6.75 -3.91
N LYS B 122 18.24 6.90 -4.18
CA LYS B 122 18.90 5.80 -4.95
C LYS B 122 20.19 5.45 -4.13
N ILE B 123 20.43 4.17 -3.88
CA ILE B 123 21.61 3.73 -3.07
C ILE B 123 22.63 3.25 -4.15
N PHE B 124 23.85 3.82 -4.06
CA PHE B 124 24.90 3.44 -5.08
C PHE B 124 26.05 2.74 -4.42
N TYR B 125 26.72 1.91 -5.24
CA TYR B 125 28.04 1.41 -4.88
C TYR B 125 28.93 1.91 -6.04
N LYS B 126 30.09 2.51 -5.72
CA LYS B 126 30.91 3.04 -6.83
C LYS B 126 32.36 2.66 -6.42
N LYS B 127 33.12 2.14 -7.42
CA LYS B 127 34.53 1.77 -7.08
C LYS B 127 35.38 2.15 -8.29
N PHE B 128 36.41 3.01 -8.03
CA PHE B 128 37.27 3.29 -9.13
C PHE B 128 38.11 2.08 -9.58
N PRO B 129 38.53 2.13 -10.83
CA PRO B 129 39.25 0.97 -11.39
C PRO B 129 40.55 0.76 -10.58
N GLY B 130 40.84 -0.53 -10.35
CA GLY B 130 42.09 -0.79 -9.56
C GLY B 130 41.99 -0.55 -8.04
N HIS B 131 41.02 0.23 -7.51
CA HIS B 131 40.88 0.24 -6.08
C HIS B 131 40.43 -1.09 -5.53
N THR B 132 40.79 -1.41 -4.25
CA THR B 132 40.16 -2.58 -3.58
C THR B 132 38.82 -2.11 -2.98
N LYS B 133 38.80 -0.95 -2.33
CA LYS B 133 37.57 -0.56 -1.61
C LYS B 133 36.76 0.42 -2.54
N GLY B 134 35.43 0.22 -2.61
CA GLY B 134 34.55 1.23 -3.23
C GLY B 134 33.73 1.93 -2.14
N SER B 135 32.81 2.77 -2.55
CA SER B 135 32.11 3.53 -1.57
C SER B 135 30.63 3.14 -1.71
N VAL B 136 29.87 3.32 -0.63
CA VAL B 136 28.39 3.18 -0.75
C VAL B 136 27.89 4.58 -0.35
N PHE B 137 26.97 5.11 -1.18
CA PHE B 137 26.42 6.40 -0.78
C PHE B 137 24.96 6.44 -1.26
N TRP B 138 24.17 7.43 -0.81
CA TRP B 138 22.81 7.49 -1.32
C TRP B 138 22.42 8.86 -1.70
N ASN B 139 21.60 9.00 -2.75
CA ASN B 139 21.25 10.31 -3.29
C ASN B 139 19.75 10.57 -3.07
N TYR B 140 19.45 11.80 -2.66
CA TYR B 140 18.05 12.23 -2.61
C TYR B 140 17.87 13.19 -3.79
N GLU B 141 16.85 12.94 -4.61
CA GLU B 141 16.58 13.88 -5.72
C GLU B 141 15.44 14.78 -5.38
N ILE B 142 15.61 16.11 -5.50
CA ILE B 142 14.47 16.99 -5.14
C ILE B 142 13.23 16.72 -6.04
N ASN B 143 12.06 16.92 -5.44
CA ASN B 143 10.83 16.88 -6.28
C ASN B 143 10.58 18.37 -6.73
N THR B 144 11.25 18.70 -7.80
CA THR B 144 11.52 20.08 -8.22
C THR B 144 10.16 20.84 -8.27
N LYS B 145 10.15 22.05 -7.72
CA LYS B 145 8.98 22.89 -7.93
C LYS B 145 9.03 23.41 -9.37
N GLY B 146 7.98 23.23 -10.14
CA GLY B 146 8.02 23.72 -11.54
C GLY B 146 8.88 22.80 -12.42
N ASP B 147 9.61 23.36 -13.36
CA ASP B 147 10.26 22.62 -14.41
C ASP B 147 11.35 21.65 -13.85
N ASN B 148 11.21 20.37 -14.20
CA ASN B 148 12.14 19.40 -13.71
C ASN B 148 13.54 19.52 -14.36
N SER B 149 13.69 20.34 -15.40
CA SER B 149 15.02 20.39 -16.01
C SER B 149 16.00 21.09 -14.96
N LYS B 150 15.53 21.76 -13.92
CA LYS B 150 16.42 22.27 -12.89
C LYS B 150 16.65 21.32 -11.66
N ARG B 151 16.31 20.04 -11.82
CA ARG B 151 16.42 19.10 -10.70
C ARG B 151 17.91 18.86 -10.35
N TRP B 152 18.13 18.29 -9.20
CA TRP B 152 19.51 17.82 -8.87
C TRP B 152 19.34 16.77 -7.78
N ASP B 153 20.40 15.94 -7.67
CA ASP B 153 20.52 14.98 -6.60
C ASP B 153 21.53 15.51 -5.57
N TYR B 154 21.29 15.20 -4.33
CA TYR B 154 22.31 15.54 -3.20
C TYR B 154 22.75 14.15 -2.66
N SER B 155 24.10 13.94 -2.64
CA SER B 155 24.64 12.60 -2.34
C SER B 155 25.19 12.62 -0.90
N THR B 156 24.92 11.56 -0.13
CA THR B 156 25.39 11.50 1.24
C THR B 156 26.14 10.17 1.33
N ALA B 157 27.41 10.27 1.82
CA ALA B 157 28.24 9.07 1.90
C ALA B 157 27.71 8.12 3.05
N VAL B 158 27.85 6.83 2.83
CA VAL B 158 27.58 5.84 3.92
C VAL B 158 28.92 5.34 4.36
N TRP B 159 29.63 4.62 3.49
CA TRP B 159 31.02 4.23 3.83
C TRP B 159 31.86 4.68 2.66
N GLY B 160 32.89 5.50 2.96
CA GLY B 160 33.72 5.92 1.79
C GLY B 160 33.28 7.31 1.32
N TYR B 161 33.29 7.48 -0.01
CA TYR B 161 32.98 8.85 -0.52
C TYR B 161 31.54 8.99 -0.93
N ASP B 162 31.08 10.18 -1.20
CA ASP B 162 29.75 10.30 -1.84
C ASP B 162 30.02 10.47 -3.36
N MET B 163 28.97 10.79 -4.12
CA MET B 163 29.08 10.71 -5.62
C MET B 163 30.03 11.85 -6.10
N SER B 164 30.16 12.91 -5.33
CA SER B 164 30.84 14.12 -5.78
C SER B 164 32.37 13.95 -5.85
N VAL B 165 32.95 12.88 -5.33
CA VAL B 165 34.48 12.73 -5.28
C VAL B 165 34.84 12.11 -6.62
N VAL B 166 35.52 12.87 -7.48
CA VAL B 166 35.76 12.38 -8.85
C VAL B 166 37.31 12.47 -9.09
N GLY B 167 37.75 11.76 -10.10
CA GLY B 167 39.24 11.91 -10.46
C GLY B 167 39.50 13.23 -11.10
N PRO B 168 40.83 13.55 -11.15
CA PRO B 168 41.21 14.90 -11.68
C PRO B 168 41.30 14.87 -13.19
N THR B 169 41.41 13.67 -13.79
CA THR B 169 41.42 13.56 -15.27
C THR B 169 40.52 12.37 -15.61
N ALA B 170 40.21 12.21 -16.89
CA ALA B 170 39.31 11.12 -17.30
C ALA B 170 39.95 9.81 -16.93
N THR B 171 41.27 9.73 -16.75
CA THR B 171 41.87 8.37 -16.67
C THR B 171 42.65 8.22 -15.39
N SER B 172 42.42 9.06 -14.41
CA SER B 172 43.13 8.82 -13.13
C SER B 172 42.13 9.09 -11.93
N TYR B 173 42.48 8.63 -10.75
CA TYR B 173 41.34 8.45 -9.78
C TYR B 173 41.82 9.06 -8.49
N PRO B 174 40.92 9.34 -7.61
CA PRO B 174 41.28 9.75 -6.22
C PRO B 174 41.90 8.60 -5.46
N GLU B 175 42.36 8.84 -4.24
CA GLU B 175 42.89 7.66 -3.46
C GLU B 175 41.75 6.75 -3.09
N GLU B 176 42.07 5.52 -2.81
CA GLU B 176 41.01 4.57 -2.30
CA GLU B 176 40.99 4.56 -2.40
C GLU B 176 40.42 5.12 -1.05
N PRO B 177 39.10 5.00 -0.83
CA PRO B 177 38.60 5.54 0.49
C PRO B 177 39.09 4.62 1.62
N GLU B 178 39.37 5.22 2.75
CA GLU B 178 39.96 4.49 3.87
C GLU B 178 38.87 3.47 4.39
N ASP B 179 37.61 3.92 4.42
CA ASP B 179 36.55 3.09 4.95
C ASP B 179 35.62 2.36 3.89
N GLY B 180 36.02 1.97 2.76
CA GLY B 180 34.91 1.43 1.87
C GLY B 180 34.73 -0.07 1.87
N ILE B 181 34.01 -0.53 0.84
CA ILE B 181 33.49 -1.91 0.80
C ILE B 181 34.06 -2.49 -0.49
N ALA B 182 34.55 -3.67 -0.36
CA ALA B 182 35.28 -4.30 -1.54
C ALA B 182 34.24 -4.96 -2.49
N LEU B 183 34.59 -5.19 -3.74
CA LEU B 183 33.74 -6.12 -4.54
C LEU B 183 33.65 -7.43 -3.77
N GLY B 184 32.46 -8.07 -3.78
CA GLY B 184 32.31 -9.37 -3.11
C GLY B 184 32.14 -9.26 -1.62
N GLU B 185 32.13 -8.07 -1.05
CA GLU B 185 31.93 -7.98 0.40
C GLU B 185 30.48 -7.69 0.69
N GLU B 186 29.85 -8.47 1.59
CA GLU B 186 28.42 -8.30 1.82
C GLU B 186 28.10 -7.09 2.62
N PHE B 187 27.00 -6.44 2.29
CA PHE B 187 26.47 -5.37 3.13
C PHE B 187 24.94 -5.43 3.00
N SER B 188 24.29 -4.72 3.90
CA SER B 188 22.79 -4.74 3.99
C SER B 188 22.34 -3.32 3.98
N TYR B 189 21.14 -3.09 3.40
CA TYR B 189 20.48 -1.78 3.64
C TYR B 189 19.00 -2.02 4.06
N GLU B 190 18.44 -1.01 4.69
CA GLU B 190 16.96 -1.04 4.94
C GLU B 190 16.49 0.33 4.65
N ILE B 191 15.47 0.44 3.82
CA ILE B 191 14.79 1.76 3.58
C ILE B 191 13.42 1.54 4.26
N ASN B 192 13.17 2.24 5.34
CA ASN B 192 11.92 2.10 6.11
C ASN B 192 11.19 3.41 6.13
N VAL B 193 10.09 3.53 5.32
CA VAL B 193 9.40 4.84 5.24
C VAL B 193 8.14 4.64 6.15
N TYR B 194 8.05 5.40 7.19
CA TYR B 194 6.95 5.15 8.16
C TYR B 194 6.36 6.56 8.32
N GLU B 195 5.04 6.71 8.06
CA GLU B 195 4.36 8.04 8.18
C GLU B 195 5.17 9.16 7.49
N GLY B 196 5.69 8.78 6.32
CA GLY B 196 6.24 9.80 5.45
C GLY B 196 7.70 10.11 5.74
N ILE B 197 8.26 9.45 6.74
CA ILE B 197 9.68 9.71 7.11
C ILE B 197 10.48 8.49 6.71
N MET B 198 11.61 8.77 6.00
CA MET B 198 12.45 7.66 5.49
C MET B 198 13.59 7.45 6.52
N TYR B 199 13.60 6.27 7.09
CA TYR B 199 14.73 5.81 7.97
C TYR B 199 15.60 4.81 7.31
N LEU B 200 16.88 5.14 7.12
CA LEU B 200 17.76 4.22 6.41
C LEU B 200 18.68 3.62 7.45
N THR B 201 19.08 2.40 7.21
CA THR B 201 20.04 1.70 8.05
C THR B 201 20.94 0.92 7.12
N PHE B 202 22.24 1.12 7.27
CA PHE B 202 23.19 0.39 6.44
C PHE B 202 24.18 -0.38 7.35
N SER B 203 24.46 -1.66 7.03
CA SER B 203 25.28 -2.39 7.94
C SER B 203 26.15 -3.31 7.14
N SER B 204 27.33 -3.62 7.66
CA SER B 204 28.23 -4.60 7.01
C SER B 204 29.23 -5.07 8.09
N GLU B 205 29.58 -6.36 8.06
CA GLU B 205 30.39 -6.92 9.17
CA GLU B 205 30.44 -7.00 9.11
C GLU B 205 31.73 -6.21 9.20
N GLY B 206 32.10 -5.76 10.40
CA GLY B 206 33.33 -5.05 10.52
C GLY B 206 33.27 -3.58 10.07
N HIS B 207 32.09 -2.95 9.84
CA HIS B 207 32.04 -1.56 9.58
C HIS B 207 30.98 -1.01 10.48
N LYS B 208 30.93 0.29 10.64
CA LYS B 208 29.95 0.88 11.58
C LYS B 208 28.57 0.81 10.88
N THR B 209 27.54 0.55 11.68
CA THR B 209 26.18 0.66 11.12
C THR B 209 25.87 2.07 11.03
N ILE B 210 25.35 2.51 9.87
CA ILE B 210 25.11 3.95 9.71
C ILE B 210 23.59 4.20 9.52
N LYS B 211 23.02 5.25 10.12
CA LYS B 211 21.58 5.47 9.96
C LYS B 211 21.34 6.82 9.54
N PHE B 212 20.20 7.09 8.83
CA PHE B 212 19.85 8.43 8.41
C PHE B 212 18.36 8.55 8.57
N THR B 213 17.91 9.78 8.73
CA THR B 213 16.49 10.07 8.75
CA THR B 213 16.48 10.04 8.76
C THR B 213 16.20 11.18 7.74
N LYS B 214 15.26 11.03 6.83
CA LYS B 214 14.99 12.15 5.90
C LYS B 214 13.45 12.26 5.78
N ASN B 215 12.90 13.38 6.10
CA ASN B 215 11.42 13.58 6.00
C ASN B 215 11.00 13.74 4.53
N LEU B 216 10.11 12.85 4.04
CA LEU B 216 9.72 12.97 2.66
C LEU B 216 8.47 13.84 2.43
N LEU B 217 7.93 14.35 3.57
CA LEU B 217 6.76 15.21 3.46
C LEU B 217 7.04 16.69 3.55
N LYS B 218 8.25 17.09 3.96
CA LYS B 218 8.43 18.56 4.28
C LYS B 218 9.88 18.76 3.71
N SER B 219 10.00 19.55 2.66
CA SER B 219 11.30 19.81 2.02
C SER B 219 12.24 20.65 2.94
N ASN B 220 13.54 20.34 2.84
CA ASN B 220 14.59 21.19 3.43
C ASN B 220 15.24 22.02 2.35
N PHE B 221 14.69 22.08 1.16
CA PHE B 221 15.33 22.68 -0.04
C PHE B 221 14.35 23.59 -0.73
N THR B 222 13.67 24.46 0.04
CA THR B 222 12.60 25.24 -0.59
C THR B 222 13.10 26.62 -1.11
N LYS B 223 14.35 27.00 -0.78
CA LYS B 223 14.81 28.32 -1.21
C LYS B 223 16.14 28.08 -1.86
N LYS B 224 16.59 29.03 -2.70
CA LYS B 224 17.90 28.82 -3.34
CA LYS B 224 17.93 28.92 -3.35
C LYS B 224 19.01 28.81 -2.30
N SER B 225 18.85 29.56 -1.20
CA SER B 225 19.85 29.55 -0.15
C SER B 225 19.98 28.26 0.59
N ASP B 226 19.05 27.30 0.38
CA ASP B 226 19.20 25.98 0.98
C ASP B 226 19.87 24.98 0.07
N ILE B 227 20.13 25.30 -1.19
CA ILE B 227 20.79 24.32 -2.03
C ILE B 227 22.19 24.01 -1.46
N PRO B 228 22.51 22.76 -1.26
CA PRO B 228 23.82 22.45 -0.66
C PRO B 228 24.99 22.86 -1.53
N GLN B 229 26.12 23.13 -0.87
CA GLN B 229 27.33 23.45 -1.69
C GLN B 229 27.70 22.44 -2.60
N GLN B 230 27.43 21.13 -2.28
CA GLN B 230 27.86 20.14 -3.13
C GLN B 230 27.37 20.31 -4.55
N ILE B 231 26.11 20.79 -4.62
CA ILE B 231 25.44 20.92 -5.90
C ILE B 231 26.11 22.00 -6.74
N LYS B 232 26.67 23.00 -6.06
CA LYS B 232 27.35 24.06 -6.80
C LYS B 232 28.58 23.63 -7.52
N THR B 233 29.31 22.64 -6.98
CA THR B 233 30.41 22.08 -7.82
C THR B 233 30.01 21.07 -8.88
N LEU B 234 29.28 20.09 -8.42
CA LEU B 234 28.88 19.00 -9.39
C LEU B 234 28.13 19.41 -10.62
N TYR B 235 27.13 20.29 -10.36
CA TYR B 235 26.26 20.77 -11.35
C TYR B 235 26.68 22.11 -11.96
N ALA B 236 27.94 22.53 -11.79
CA ALA B 236 28.33 23.86 -12.33
C ALA B 236 28.16 24.03 -13.89
N SER B 237 28.57 22.96 -14.56
CA SER B 237 28.62 22.73 -15.96
C SER B 237 27.13 22.81 -16.49
N ILE B 238 26.13 22.43 -15.67
CA ILE B 238 24.81 22.09 -16.14
C ILE B 238 23.58 23.01 -15.89
N GLY B 239 23.66 24.19 -15.30
CA GLY B 239 22.39 24.99 -15.15
C GLY B 239 21.38 24.57 -14.05
N ARG B 240 21.79 23.80 -13.00
CA ARG B 240 20.77 23.18 -11.96
C ARG B 240 20.61 23.94 -10.65
N ASP B 241 19.68 24.87 -10.68
CA ASP B 241 19.52 25.64 -9.54
C ASP B 241 18.10 25.47 -9.12
N GLY B 242 17.50 24.27 -9.29
CA GLY B 242 16.09 24.25 -8.90
C GLY B 242 15.85 24.29 -7.41
N ILE B 243 14.63 24.66 -6.97
CA ILE B 243 14.27 24.42 -5.56
C ILE B 243 13.16 23.37 -5.54
N GLU B 244 12.90 22.86 -4.35
CA GLU B 244 11.94 21.72 -4.24
C GLU B 244 10.57 22.26 -3.76
N ARG B 245 9.50 21.59 -4.19
CA ARG B 245 8.22 22.13 -3.61
CA ARG B 245 8.10 21.68 -3.64
C ARG B 245 8.13 21.80 -2.14
N GLU B 246 7.32 22.63 -1.44
CA GLU B 246 7.41 22.64 -0.01
C GLU B 246 7.11 21.27 0.67
N ASN B 247 6.20 20.51 0.06
CA ASN B 247 5.85 19.23 0.72
CA ASN B 247 5.59 19.27 0.41
C ASN B 247 6.46 18.07 -0.03
N ALA B 248 7.57 18.36 -0.72
CA ALA B 248 8.43 17.24 -1.17
C ALA B 248 7.64 16.18 -1.87
N TYR B 249 7.72 14.94 -1.39
CA TYR B 249 7.02 13.86 -2.08
C TYR B 249 5.66 13.44 -1.44
N ALA B 250 5.15 14.29 -0.57
CA ALA B 250 3.86 13.94 0.13
C ALA B 250 2.85 13.65 -0.96
N GLY B 251 2.10 12.54 -0.76
CA GLY B 251 1.02 12.15 -1.68
C GLY B 251 1.44 11.68 -3.05
N GLU B 252 2.75 11.62 -3.32
CA GLU B 252 3.14 11.23 -4.63
C GLU B 252 3.41 9.69 -4.62
N ILE B 253 2.80 9.00 -5.57
CA ILE B 253 2.83 7.53 -5.59
C ILE B 253 4.28 7.07 -5.98
N GLN B 254 4.82 6.14 -5.21
CA GLN B 254 6.28 5.68 -5.35
C GLN B 254 6.25 4.18 -5.28
N TYR B 255 7.38 3.56 -5.62
CA TYR B 255 7.52 2.15 -5.32
C TYR B 255 9.05 1.81 -5.25
N PHE B 256 9.36 0.69 -4.61
CA PHE B 256 10.76 0.34 -4.45
C PHE B 256 11.27 -0.35 -5.69
N LYS B 257 12.61 -0.24 -5.92
CA LYS B 257 13.25 -1.03 -6.99
C LYS B 257 14.56 -1.56 -6.39
N LEU B 258 15.05 -2.67 -6.98
CA LEU B 258 16.23 -3.33 -6.33
C LEU B 258 16.83 -4.10 -7.48
N GLY B 259 18.19 -4.12 -7.57
CA GLY B 259 18.80 -4.97 -8.63
C GLY B 259 20.11 -4.27 -9.01
N ALA B 260 20.37 -4.19 -10.33
CA ALA B 260 21.64 -3.62 -10.83
C ALA B 260 21.19 -2.57 -11.86
N TYR B 261 21.16 -1.27 -11.45
CA TYR B 261 20.77 -0.24 -12.40
C TYR B 261 22.13 0.44 -12.63
N ASN B 262 22.67 0.20 -13.85
CA ASN B 262 24.08 0.62 -14.09
C ASN B 262 24.13 2.04 -14.36
N GLN B 263 25.04 2.78 -13.69
CA GLN B 263 25.07 4.24 -13.89
C GLN B 263 26.22 4.55 -14.90
N THR B 264 26.92 3.52 -15.37
CA THR B 264 27.97 3.87 -16.36
C THR B 264 27.38 3.57 -17.80
N ASN B 265 27.28 4.65 -18.60
CA ASN B 265 26.79 4.55 -19.99
C ASN B 265 27.92 5.05 -20.94
N GLY B 266 27.58 5.17 -22.24
CA GLY B 266 28.54 5.61 -23.24
C GLY B 266 28.30 7.03 -23.69
N LYS B 267 27.54 7.82 -22.93
CA LYS B 267 27.23 9.21 -23.34
C LYS B 267 28.41 10.15 -23.10
N SER B 268 28.38 11.30 -23.76
CA SER B 268 29.61 12.18 -23.72
C SER B 268 29.77 13.02 -22.43
N PRO B 269 30.90 12.89 -21.73
CA PRO B 269 31.09 13.63 -20.50
C PRO B 269 31.03 15.11 -20.76
N GLU B 270 31.36 15.55 -22.00
CA GLU B 270 31.33 17.02 -22.27
C GLU B 270 29.91 17.56 -22.30
N ASP B 271 28.91 16.71 -22.39
CA ASP B 271 27.50 17.18 -22.35
C ASP B 271 27.02 17.17 -20.89
N ASN B 272 27.63 16.34 -20.00
CA ASN B 272 27.04 16.26 -18.62
C ASN B 272 28.06 15.52 -17.75
N LEU B 273 28.80 16.29 -16.92
CA LEU B 273 29.86 15.72 -16.06
C LEU B 273 29.36 15.16 -14.78
N VAL B 274 28.01 15.04 -14.68
CA VAL B 274 27.52 14.29 -13.53
C VAL B 274 27.06 12.87 -13.98
N TRP B 275 26.36 12.77 -15.16
CA TRP B 275 25.65 11.46 -15.44
C TRP B 275 26.13 10.85 -16.78
N SER B 276 26.97 11.56 -17.57
CA SER B 276 27.25 11.02 -18.90
C SER B 276 28.73 10.56 -18.85
N THR B 277 28.88 9.26 -18.80
CA THR B 277 30.16 8.75 -18.30
C THR B 277 31.21 8.39 -19.39
N GLY B 278 30.82 8.40 -20.66
CA GLY B 278 31.84 8.17 -21.71
C GLY B 278 32.58 6.86 -21.56
N ALA B 279 31.91 5.79 -21.15
CA ALA B 279 32.62 4.46 -21.00
C ALA B 279 32.64 3.75 -22.38
N ASP B 280 33.46 2.71 -22.46
CA ASP B 280 33.47 1.91 -23.75
C ASP B 280 32.16 1.05 -23.70
N VAL B 281 31.37 1.09 -24.76
CA VAL B 281 30.10 0.32 -24.75
C VAL B 281 30.07 -0.54 -26.04
N TYR B 282 31.11 -0.51 -26.86
CA TYR B 282 31.16 -1.45 -28.00
C TYR B 282 29.89 -1.43 -28.85
N ASP B 283 29.38 -0.22 -29.10
CA ASP B 283 28.26 -0.02 -29.97
C ASP B 283 27.04 -0.82 -29.47
N GLY B 284 26.94 -1.05 -28.14
CA GLY B 284 25.71 -1.64 -27.56
C GLY B 284 25.78 -3.17 -27.73
N ASP B 285 26.91 -3.72 -28.16
CA ASP B 285 27.02 -5.22 -28.27
C ASP B 285 27.21 -5.79 -26.87
N ILE B 286 26.21 -6.53 -26.37
CA ILE B 286 26.21 -6.91 -24.94
CA ILE B 286 26.24 -6.92 -24.93
C ILE B 286 27.31 -7.96 -24.67
N ALA B 287 27.44 -8.92 -25.58
CA ALA B 287 28.46 -9.86 -25.40
C ALA B 287 29.89 -9.17 -25.32
N LYS B 288 30.17 -8.24 -26.20
CA LYS B 288 31.52 -7.66 -26.25
C LYS B 288 31.64 -6.88 -24.88
N GLN B 289 30.56 -6.23 -24.45
CA GLN B 289 30.69 -5.47 -23.14
C GLN B 289 31.01 -6.40 -21.99
N TYR B 290 30.31 -7.54 -21.94
CA TYR B 290 30.55 -8.55 -20.91
C TYR B 290 31.92 -9.13 -20.97
N ALA B 291 32.52 -9.13 -22.17
CA ALA B 291 33.86 -9.69 -22.32
C ALA B 291 34.96 -8.70 -21.95
N ASN B 292 34.61 -7.40 -21.86
CA ASN B 292 35.61 -6.38 -21.70
C ASN B 292 35.36 -5.46 -20.44
N GLY B 293 34.56 -5.95 -19.47
CA GLY B 293 34.40 -5.25 -18.20
C GLY B 293 33.40 -4.12 -18.23
N SER B 294 32.64 -3.97 -19.31
CA SER B 294 31.73 -2.82 -19.42
C SER B 294 30.35 -3.28 -18.90
N TYR B 295 30.29 -3.64 -17.62
CA TYR B 295 28.98 -4.07 -17.10
C TYR B 295 28.98 -3.91 -15.60
N ALA B 296 27.78 -4.09 -14.99
CA ALA B 296 27.68 -4.11 -13.55
C ALA B 296 27.06 -5.42 -13.17
N GLU B 297 27.34 -5.98 -11.98
CA GLU B 297 26.77 -7.28 -11.59
C GLU B 297 26.63 -7.23 -10.04
N VAL B 298 25.45 -7.50 -9.52
CA VAL B 298 25.16 -7.34 -8.08
C VAL B 298 24.48 -8.67 -7.71
N TRP B 299 24.87 -9.21 -6.54
CA TRP B 299 24.26 -10.51 -6.13
C TRP B 299 23.47 -10.19 -4.89
N PHE B 300 22.24 -10.70 -4.77
CA PHE B 300 21.50 -10.50 -3.51
C PHE B 300 21.23 -11.81 -2.83
N LYS B 301 21.33 -11.79 -1.51
CA LYS B 301 21.06 -13.03 -0.71
C LYS B 301 19.65 -12.93 -0.27
N GLU B 302 19.16 -11.75 0.08
CA GLU B 302 17.90 -11.58 0.70
C GLU B 302 17.32 -10.30 0.11
N ALA B 303 16.00 -10.28 -0.05
CA ALA B 303 15.31 -9.02 -0.51
C ALA B 303 13.88 -9.15 0.03
N THR B 304 13.49 -8.31 0.95
CA THR B 304 12.16 -8.45 1.58
C THR B 304 11.45 -7.13 1.55
N LEU B 305 10.15 -7.15 1.23
CA LEU B 305 9.31 -6.00 1.28
C LEU B 305 8.38 -6.17 2.47
N GLY B 306 8.06 -5.05 3.13
CA GLY B 306 7.20 -5.13 4.33
C GLY B 306 6.60 -3.78 4.54
N SER B 307 5.86 -3.61 5.65
CA SER B 307 5.32 -2.29 5.93
CA SER B 307 5.32 -2.29 5.93
C SER B 307 6.38 -1.42 6.60
N GLY B 308 6.19 -0.13 6.54
CA GLY B 308 6.98 0.80 7.29
C GLY B 308 6.73 0.55 8.76
N SER B 309 7.72 0.82 9.58
CA SER B 309 7.54 0.63 11.07
C SER B 309 8.14 1.75 11.85
N ALA B 310 7.61 1.96 13.08
CA ALA B 310 8.18 3.09 13.86
C ALA B 310 9.59 2.65 14.31
N PRO B 311 10.64 3.48 14.18
CA PRO B 311 11.94 2.90 14.67
C PRO B 311 11.85 2.72 16.19
N GLU B 312 12.59 1.72 16.69
CA GLU B 312 12.98 1.63 18.11
C GLU B 312 13.84 0.39 18.31
#